data_1SVZ
#
_entry.id   1SVZ
#
_cell.length_a   44.184
_cell.length_b   56.413
_cell.length_c   88.304
_cell.angle_alpha   90.00
_cell.angle_beta   102.13
_cell.angle_gamma   90.00
#
_symmetry.space_group_name_H-M   'P 1 21 1'
#
loop_
_entity.id
_entity.type
_entity.pdbx_description
1 polymer 'single-chain Fv fragment 1696'
2 polymer 'epitope peptide corresponding to N-terminus of HIV-2 protease'
3 water water
#
loop_
_entity_poly.entity_id
_entity_poly.type
_entity_poly.pdbx_seq_one_letter_code
_entity_poly.pdbx_strand_id
1 'polypeptide(L)'
;DILMTQTPLYLPVSLGDQASISCRSSQTIVHNNGNTYLEWYLQKPGQSPQLLIYKVSNRFSGVPDRFSGSGSGTDFTLKI
SRVEAEDLGIYYCFQGSHFPPTFGGGTKLEIKGGGGSGGGGSGGGGSEVQLQQSGPELKKPGETVKISCKATNYAFTDYS
MHWVKQAPGGDLKYVGWINTETDEPTFADDFKGRFAFSLDTSTSTAFLQINNLKNEDTATYFCVRDRHDYGEIFTYWGQG
TTVTVSS
;
A,B
2 'polypeptide(L)' PQFSLWKR C,D
#
# COMPACT_ATOMS: atom_id res chain seq x y z
N ASP A 1 14.14 -5.90 -16.70
CA ASP A 1 15.26 -6.83 -17.01
C ASP A 1 16.27 -6.87 -15.89
N ILE A 2 16.49 -5.72 -15.25
CA ILE A 2 17.42 -5.70 -14.14
C ILE A 2 16.62 -5.79 -12.85
N LEU A 3 16.81 -6.90 -12.16
CA LEU A 3 16.12 -7.13 -10.91
C LEU A 3 16.86 -6.38 -9.81
N MET A 4 16.10 -5.68 -8.98
CA MET A 4 16.61 -4.96 -7.82
C MET A 4 16.04 -5.70 -6.64
N THR A 5 16.89 -6.44 -5.93
CA THR A 5 16.40 -7.21 -4.79
C THR A 5 16.69 -6.48 -3.51
N GLN A 6 15.62 -5.99 -2.90
CA GLN A 6 15.69 -5.17 -1.70
C GLN A 6 15.34 -5.89 -0.41
N THR A 7 16.22 -5.77 0.58
CA THR A 7 16.02 -6.40 1.89
C THR A 7 16.37 -5.44 3.01
N PRO A 8 15.62 -5.50 4.13
CA PRO A 8 14.48 -6.40 4.36
C PRO A 8 13.14 -5.86 3.87
N LEU A 9 12.13 -6.71 3.72
CA LEU A 9 10.80 -6.26 3.29
C LEU A 9 10.17 -5.41 4.40
N TYR A 10 10.59 -5.66 5.63
CA TYR A 10 10.04 -5.00 6.80
C TYR A 10 11.11 -4.62 7.79
N LEU A 11 11.04 -3.42 8.34
CA LEU A 11 12.04 -3.05 9.32
C LEU A 11 11.39 -2.33 10.47
N PRO A 12 11.11 -3.08 11.54
CA PRO A 12 10.49 -2.51 12.73
C PRO A 12 11.62 -1.85 13.49
N VAL A 13 11.42 -0.63 13.95
CA VAL A 13 12.49 0.01 14.67
C VAL A 13 11.94 0.97 15.70
N SER A 14 12.77 1.33 16.65
CA SER A 14 12.35 2.29 17.65
C SER A 14 13.10 3.58 17.29
N LEU A 15 12.46 4.74 17.44
CA LEU A 15 13.12 6.01 17.15
C LEU A 15 14.46 6.05 17.86
N GLY A 16 15.43 6.73 17.28
CA GLY A 16 16.74 6.78 17.89
C GLY A 16 17.64 5.67 17.35
N ASP A 17 17.07 4.54 16.94
CA ASP A 17 17.88 3.44 16.42
C ASP A 17 18.43 3.66 15.00
N GLN A 18 19.41 2.85 14.63
CA GLN A 18 19.98 2.92 13.28
C GLN A 18 19.14 2.00 12.44
N ALA A 19 19.17 2.20 11.14
CA ALA A 19 18.46 1.34 10.22
C ALA A 19 19.33 1.29 8.97
N SER A 20 19.45 0.09 8.38
CA SER A 20 20.22 -0.09 7.13
C SER A 20 19.34 -0.89 6.19
N ILE A 21 19.30 -0.51 4.92
CA ILE A 21 18.47 -1.21 3.97
C ILE A 21 19.36 -1.50 2.78
N SER A 22 19.29 -2.72 2.27
CA SER A 22 20.13 -3.06 1.15
C SER A 22 19.41 -3.38 -0.13
N CYS A 23 20.16 -3.26 -1.21
CA CYS A 23 19.60 -3.49 -2.52
C CYS A 23 20.68 -4.13 -3.37
N ARG A 24 20.34 -5.22 -4.04
CA ARG A 24 21.28 -5.91 -4.91
C ARG A 24 20.73 -5.93 -6.34
N SER A 25 21.51 -5.48 -7.31
CA SER A 25 21.04 -5.50 -8.70
C SER A 25 21.48 -6.81 -9.37
N SER A 26 20.68 -7.31 -10.31
CA SER A 26 21.00 -8.56 -10.99
C SER A 26 22.12 -8.37 -11.99
N GLN A 27 22.38 -7.11 -12.31
CA GLN A 27 23.44 -6.76 -13.22
C GLN A 27 24.03 -5.45 -12.77
N THR A 28 25.23 -5.16 -13.26
CA THR A 28 25.89 -3.92 -12.90
C THR A 28 25.08 -2.73 -13.44
N ILE A 29 25.15 -1.60 -12.75
CA ILE A 29 24.39 -0.45 -13.20
C ILE A 29 25.20 0.80 -13.46
N VAL A 30 26.41 0.62 -13.96
CA VAL A 30 27.20 1.77 -14.29
C VAL A 30 26.71 2.09 -15.69
N HIS A 31 26.56 3.38 -15.99
CA HIS A 31 26.10 3.81 -17.30
C HIS A 31 27.32 3.99 -18.22
N ASN A 32 27.14 3.80 -19.51
CA ASN A 32 28.29 3.96 -20.38
C ASN A 32 28.92 5.34 -20.16
N ASN A 33 28.18 6.32 -19.65
CA ASN A 33 28.78 7.62 -19.44
C ASN A 33 29.59 7.69 -18.15
N GLY A 34 29.71 6.57 -17.45
CA GLY A 34 30.48 6.54 -16.22
C GLY A 34 29.68 6.71 -14.94
N ASN A 35 28.50 7.29 -15.03
CA ASN A 35 27.67 7.49 -13.84
C ASN A 35 26.92 6.21 -13.47
N THR A 36 26.58 6.09 -12.19
CA THR A 36 25.79 4.96 -11.69
C THR A 36 24.51 5.61 -11.15
N TYR A 37 23.40 5.44 -11.88
CA TYR A 37 22.13 6.06 -11.49
C TYR A 37 21.31 5.23 -10.51
N LEU A 38 21.83 5.11 -9.30
CA LEU A 38 21.12 4.32 -8.31
C LEU A 38 20.52 5.35 -7.39
N GLU A 39 19.21 5.30 -7.21
CA GLU A 39 18.54 6.27 -6.34
C GLU A 39 17.76 5.60 -5.24
N TRP A 40 17.52 6.35 -4.16
CA TRP A 40 16.72 5.87 -3.03
C TRP A 40 15.61 6.88 -2.81
N TYR A 41 14.39 6.38 -2.67
CA TYR A 41 13.18 7.18 -2.47
C TYR A 41 12.50 6.82 -1.14
N LEU A 42 11.83 7.79 -0.55
CA LEU A 42 11.03 7.54 0.66
C LEU A 42 9.61 7.93 0.33
N GLN A 43 8.64 7.04 0.60
CA GLN A 43 7.26 7.40 0.37
C GLN A 43 6.55 7.43 1.72
N LYS A 44 6.23 8.62 2.22
CA LYS A 44 5.56 8.75 3.51
C LYS A 44 4.09 8.38 3.35
N PRO A 45 3.46 7.86 4.41
CA PRO A 45 2.05 7.47 4.32
C PRO A 45 1.21 8.64 3.76
N GLY A 46 0.45 8.37 2.70
CA GLY A 46 -0.37 9.42 2.11
C GLY A 46 0.37 10.50 1.31
N GLN A 47 1.50 10.15 0.71
CA GLN A 47 2.26 11.11 -0.08
C GLN A 47 2.88 10.42 -1.27
N SER A 48 3.51 11.19 -2.15
CA SER A 48 4.15 10.60 -3.31
C SER A 48 5.58 10.31 -2.88
N PRO A 49 6.28 9.43 -3.60
CA PRO A 49 7.66 9.14 -3.23
C PRO A 49 8.46 10.41 -3.34
N GLN A 50 9.52 10.52 -2.56
CA GLN A 50 10.37 11.69 -2.67
C GLN A 50 11.81 11.19 -2.78
N LEU A 51 12.61 11.88 -3.57
CA LEU A 51 14.00 11.50 -3.78
C LEU A 51 14.87 11.85 -2.56
N LEU A 52 15.65 10.87 -2.09
CA LEU A 52 16.54 11.09 -0.93
C LEU A 52 18.01 11.09 -1.34
N ILE A 53 18.39 10.10 -2.14
CA ILE A 53 19.77 9.90 -2.54
C ILE A 53 19.81 9.67 -4.05
N TYR A 54 20.78 10.24 -4.75
CA TYR A 54 20.88 9.98 -6.20
C TYR A 54 22.32 9.66 -6.52
N LYS A 55 22.57 9.01 -7.66
CA LYS A 55 23.92 8.57 -8.04
C LYS A 55 24.66 7.89 -6.87
N VAL A 56 23.96 6.96 -6.25
CA VAL A 56 24.48 6.15 -5.15
C VAL A 56 24.67 6.78 -3.77
N SER A 57 25.28 7.95 -3.70
CA SER A 57 25.61 8.53 -2.41
C SER A 57 25.37 10.00 -2.25
N ASN A 58 24.76 10.63 -3.22
CA ASN A 58 24.55 12.05 -3.09
C ASN A 58 23.21 12.36 -2.52
N ARG A 59 23.17 13.13 -1.42
CA ARG A 59 21.90 13.51 -0.81
C ARG A 59 21.21 14.59 -1.59
N PHE A 60 19.93 14.37 -1.86
CA PHE A 60 19.13 15.35 -2.57
C PHE A 60 19.06 16.58 -1.69
N SER A 61 18.88 17.75 -2.32
CA SER A 61 18.81 18.99 -1.60
C SER A 61 17.75 18.93 -0.54
N GLY A 62 18.12 19.32 0.68
CA GLY A 62 17.17 19.35 1.78
C GLY A 62 17.07 18.06 2.59
N VAL A 63 17.70 17.00 2.12
CA VAL A 63 17.66 15.72 2.81
C VAL A 63 18.69 15.77 3.94
N PRO A 64 18.31 15.37 5.18
CA PRO A 64 19.30 15.41 6.28
C PRO A 64 20.44 14.40 6.19
N ASP A 65 21.61 14.80 6.70
CA ASP A 65 22.77 13.91 6.64
C ASP A 65 22.65 12.63 7.48
N ARG A 66 21.51 12.44 8.12
CA ARG A 66 21.28 11.21 8.88
C ARG A 66 21.13 10.07 7.86
N PHE A 67 20.91 10.45 6.60
CA PHE A 67 20.74 9.49 5.50
C PHE A 67 22.02 9.43 4.66
N SER A 68 22.54 8.23 4.42
CA SER A 68 23.73 8.12 3.57
C SER A 68 23.58 6.87 2.74
N GLY A 69 24.00 6.98 1.47
CA GLY A 69 23.90 5.86 0.55
C GLY A 69 25.31 5.45 0.22
N SER A 70 25.51 4.16 -0.01
CA SER A 70 26.86 3.67 -0.35
C SER A 70 26.70 2.47 -1.25
N GLY A 71 27.84 1.93 -1.70
CA GLY A 71 27.81 0.74 -2.53
C GLY A 71 28.44 0.91 -3.89
N SER A 72 28.53 -0.21 -4.61
CA SER A 72 29.08 -0.23 -5.96
C SER A 72 28.87 -1.64 -6.47
N GLY A 73 29.11 -1.81 -7.76
CA GLY A 73 28.93 -3.12 -8.35
C GLY A 73 27.46 -3.45 -8.37
N THR A 74 27.09 -4.52 -7.68
CA THR A 74 25.69 -4.95 -7.62
C THR A 74 25.09 -4.78 -6.23
N ASP A 75 25.82 -4.20 -5.28
CA ASP A 75 25.30 -4.10 -3.91
C ASP A 75 25.29 -2.68 -3.40
N PHE A 76 24.14 -2.22 -2.95
CA PHE A 76 23.99 -0.85 -2.46
C PHE A 76 23.25 -0.84 -1.13
N THR A 77 23.50 0.22 -0.35
CA THR A 77 22.87 0.32 0.95
C THR A 77 22.54 1.76 1.34
N LEU A 78 21.38 1.90 1.97
CA LEU A 78 20.95 3.18 2.50
C LEU A 78 21.03 2.99 4.03
N LYS A 79 21.67 3.93 4.69
CA LYS A 79 21.82 3.87 6.14
C LYS A 79 21.15 5.11 6.72
N ILE A 80 20.44 4.94 7.84
CA ILE A 80 19.79 6.07 8.54
C ILE A 80 20.45 5.98 9.92
N SER A 81 21.27 6.96 10.25
CA SER A 81 22.04 6.89 11.49
C SER A 81 21.16 6.83 12.75
N ARG A 82 20.07 7.61 12.73
CA ARG A 82 19.12 7.64 13.84
C ARG A 82 17.74 7.90 13.27
N VAL A 83 16.85 6.94 13.38
CA VAL A 83 15.50 7.08 12.87
C VAL A 83 14.61 8.06 13.65
N GLU A 84 13.97 8.97 12.91
CA GLU A 84 13.05 9.95 13.48
C GLU A 84 11.64 9.70 12.94
N ALA A 85 10.66 10.31 13.59
CA ALA A 85 9.26 10.11 13.21
C ALA A 85 8.97 10.36 11.72
N GLU A 86 9.56 11.41 11.17
CA GLU A 86 9.32 11.74 9.76
C GLU A 86 9.97 10.80 8.74
N ASP A 87 10.69 9.79 9.23
CA ASP A 87 11.39 8.81 8.38
C ASP A 87 10.59 7.54 8.16
N LEU A 88 9.48 7.44 8.85
CA LEU A 88 8.68 6.25 8.69
C LEU A 88 7.99 6.27 7.33
N GLY A 89 7.90 5.10 6.71
CA GLY A 89 7.26 5.04 5.43
C GLY A 89 7.91 3.89 4.71
N ILE A 90 7.78 3.90 3.39
CA ILE A 90 8.32 2.84 2.56
C ILE A 90 9.49 3.37 1.72
N TYR A 91 10.64 2.70 1.80
CA TYR A 91 11.85 3.07 1.05
C TYR A 91 12.02 2.20 -0.18
N TYR A 92 12.44 2.80 -1.30
CA TYR A 92 12.62 2.03 -2.53
C TYR A 92 13.98 2.36 -3.12
N CYS A 93 14.67 1.34 -3.65
CA CYS A 93 15.93 1.61 -4.36
C CYS A 93 15.49 1.55 -5.80
N PHE A 94 16.31 2.11 -6.66
CA PHE A 94 15.90 2.24 -8.05
C PHE A 94 17.14 2.35 -8.91
N GLN A 95 17.13 1.75 -10.09
CA GLN A 95 18.24 1.93 -11.01
C GLN A 95 17.73 2.59 -12.28
N GLY A 96 18.37 3.67 -12.68
CA GLY A 96 17.94 4.38 -13.87
C GLY A 96 19.01 4.38 -14.95
N SER A 97 19.99 3.47 -14.81
CA SER A 97 21.09 3.39 -15.77
C SER A 97 20.75 2.63 -17.05
N HIS A 98 19.99 1.55 -16.94
CA HIS A 98 19.65 0.75 -18.10
C HIS A 98 18.15 0.58 -18.26
N PHE A 99 17.68 0.84 -19.47
CA PHE A 99 16.26 0.74 -19.78
C PHE A 99 15.77 -0.72 -19.81
N PRO A 100 14.62 -1.00 -19.20
CA PRO A 100 13.77 -0.05 -18.49
C PRO A 100 14.29 0.17 -17.06
N PRO A 101 14.09 1.37 -16.52
CA PRO A 101 14.57 1.60 -15.15
C PRO A 101 13.75 0.67 -14.24
N THR A 102 14.34 0.22 -13.14
CA THR A 102 13.65 -0.68 -12.26
C THR A 102 13.71 -0.30 -10.79
N PHE A 103 12.67 -0.64 -10.04
CA PHE A 103 12.57 -0.35 -8.60
C PHE A 103 12.68 -1.59 -7.74
N GLY A 104 13.22 -1.45 -6.53
CA GLY A 104 13.30 -2.56 -5.61
C GLY A 104 11.89 -2.70 -5.10
N GLY A 105 11.57 -3.82 -4.46
CA GLY A 105 10.21 -4.05 -3.98
C GLY A 105 9.76 -3.22 -2.79
N GLY A 106 10.69 -2.49 -2.16
CA GLY A 106 10.29 -1.63 -1.05
C GLY A 106 10.59 -2.23 0.30
N THR A 107 10.85 -1.35 1.26
CA THR A 107 11.10 -1.72 2.67
C THR A 107 10.21 -0.83 3.52
N LYS A 108 9.32 -1.46 4.29
CA LYS A 108 8.45 -0.72 5.17
C LYS A 108 9.13 -0.53 6.50
N LEU A 109 9.43 0.72 6.84
CA LEU A 109 10.08 1.06 8.08
C LEU A 109 8.98 1.53 9.01
N GLU A 110 8.87 0.94 10.19
CA GLU A 110 7.82 1.35 11.12
C GLU A 110 8.24 1.28 12.58
N ILE A 111 7.65 2.10 13.43
CA ILE A 111 7.99 2.07 14.85
C ILE A 111 7.40 0.78 15.41
N LYS A 112 8.11 0.15 16.33
CA LYS A 112 7.61 -1.09 16.91
C LYS A 112 6.31 -0.84 17.70
N GLU A 128 10.39 24.92 -6.88
CA GLU A 128 9.02 25.41 -7.21
C GLU A 128 8.30 24.44 -8.15
N VAL A 129 9.05 23.64 -8.90
CA VAL A 129 8.40 22.75 -9.86
C VAL A 129 7.29 21.94 -9.19
N GLN A 130 6.11 21.96 -9.79
CA GLN A 130 4.95 21.22 -9.27
C GLN A 130 4.18 20.50 -10.38
N LEU A 131 3.76 19.27 -10.09
CA LEU A 131 3.01 18.48 -11.06
C LEU A 131 1.65 18.17 -10.44
N GLN A 132 0.58 18.69 -11.02
CA GLN A 132 -0.74 18.45 -10.44
C GLN A 132 -1.53 17.51 -11.32
N GLN A 133 -1.96 16.38 -10.75
CA GLN A 133 -2.68 15.37 -11.53
C GLN A 133 -4.19 15.42 -11.35
N SER A 134 -4.90 14.81 -12.29
CA SER A 134 -6.36 14.75 -12.27
C SER A 134 -6.78 13.87 -11.11
N GLY A 135 -8.06 13.92 -10.76
CA GLY A 135 -8.54 13.14 -9.61
C GLY A 135 -8.77 11.63 -9.68
N PRO A 136 -8.96 11.03 -8.50
CA PRO A 136 -9.19 9.58 -8.45
C PRO A 136 -10.36 9.19 -9.36
N GLU A 137 -10.22 8.07 -10.05
CA GLU A 137 -11.29 7.62 -10.91
C GLU A 137 -11.72 6.20 -10.59
N LEU A 138 -13.03 6.04 -10.48
CA LEU A 138 -13.61 4.74 -10.22
C LEU A 138 -14.23 4.33 -11.55
N LYS A 139 -13.68 3.30 -12.16
CA LYS A 139 -14.16 2.84 -13.44
C LYS A 139 -14.44 1.36 -13.53
N LYS A 140 -15.39 1.03 -14.40
CA LYS A 140 -15.78 -0.35 -14.65
C LYS A 140 -14.79 -0.87 -15.67
N PRO A 141 -14.49 -2.19 -15.67
CA PRO A 141 -13.53 -2.71 -16.65
C PRO A 141 -14.00 -2.49 -18.06
N GLY A 142 -13.08 -2.65 -19.02
CA GLY A 142 -13.42 -2.43 -20.40
C GLY A 142 -13.48 -0.94 -20.74
N GLU A 143 -13.64 -0.10 -19.74
CA GLU A 143 -13.70 1.32 -20.03
C GLU A 143 -12.33 1.91 -20.31
N THR A 144 -12.30 3.23 -20.48
CA THR A 144 -11.07 3.95 -20.76
C THR A 144 -11.01 5.10 -19.80
N VAL A 145 -9.79 5.48 -19.45
CA VAL A 145 -9.58 6.59 -18.54
C VAL A 145 -8.43 7.38 -19.16
N LYS A 146 -8.46 8.69 -18.96
CA LYS A 146 -7.39 9.55 -19.48
C LYS A 146 -6.96 10.36 -18.28
N ILE A 147 -5.77 10.07 -17.79
CA ILE A 147 -5.23 10.74 -16.61
C ILE A 147 -4.43 11.97 -17.06
N SER A 148 -4.54 13.09 -16.35
CA SER A 148 -3.81 14.28 -16.77
C SER A 148 -2.79 14.71 -15.71
N CYS A 149 -1.78 15.43 -16.17
CA CYS A 149 -0.69 15.91 -15.32
C CYS A 149 -0.28 17.30 -15.79
N LYS A 150 -0.57 18.32 -14.99
CA LYS A 150 -0.25 19.68 -15.38
C LYS A 150 1.03 20.19 -14.75
N ALA A 151 1.94 20.64 -15.58
CA ALA A 151 3.22 21.12 -15.09
C ALA A 151 3.19 22.61 -14.73
N THR A 152 3.71 22.94 -13.55
CA THR A 152 3.78 24.32 -13.09
C THR A 152 5.20 24.66 -12.68
N ASN A 153 5.59 25.91 -12.92
CA ASN A 153 6.91 26.46 -12.61
C ASN A 153 8.16 26.08 -13.41
N TYR A 154 8.00 25.45 -14.56
CA TYR A 154 9.14 25.24 -15.43
C TYR A 154 8.49 25.28 -16.82
N ALA A 155 9.28 25.40 -17.88
CA ALA A 155 8.73 25.43 -19.25
C ALA A 155 8.47 23.96 -19.63
N PHE A 156 7.20 23.66 -19.79
CA PHE A 156 6.75 22.32 -20.12
C PHE A 156 7.52 21.54 -21.19
N THR A 157 7.89 22.20 -22.29
CA THR A 157 8.59 21.50 -23.36
C THR A 157 10.11 21.43 -23.22
N ASP A 158 10.62 21.78 -22.04
CA ASP A 158 12.07 21.76 -21.81
C ASP A 158 12.55 20.42 -21.29
N TYR A 159 11.65 19.68 -20.67
CA TYR A 159 11.93 18.38 -20.08
C TYR A 159 10.87 17.38 -20.54
N SER A 160 11.23 16.11 -20.60
CA SER A 160 10.29 15.05 -20.98
C SER A 160 9.34 14.85 -19.77
N MET A 161 8.35 13.96 -19.91
CA MET A 161 7.45 13.63 -18.79
C MET A 161 7.49 12.12 -18.67
N HIS A 162 7.74 11.61 -17.47
CA HIS A 162 7.80 10.20 -17.21
C HIS A 162 6.55 9.74 -16.48
N TRP A 163 6.24 8.46 -16.62
CA TRP A 163 5.07 7.87 -15.92
C TRP A 163 5.43 6.56 -15.17
N VAL A 164 4.98 6.49 -13.92
CA VAL A 164 5.24 5.37 -13.02
C VAL A 164 3.93 4.85 -12.44
N LYS A 165 3.81 3.53 -12.40
CA LYS A 165 2.63 2.88 -11.83
C LYS A 165 2.88 2.28 -10.43
N GLN A 166 2.02 2.61 -9.46
CA GLN A 166 2.19 2.01 -8.14
C GLN A 166 0.98 1.12 -7.82
N ALA A 167 1.22 -0.17 -7.88
CA ALA A 167 0.18 -1.14 -7.66
C ALA A 167 -0.29 -1.08 -6.21
N PRO A 168 -1.46 -1.66 -5.93
CA PRO A 168 -2.09 -1.70 -4.59
C PRO A 168 -1.16 -2.09 -3.42
N GLY A 169 -0.32 -3.09 -3.63
CA GLY A 169 0.62 -3.53 -2.61
C GLY A 169 1.86 -2.67 -2.49
N GLY A 170 1.90 -1.58 -3.27
CA GLY A 170 3.02 -0.65 -3.22
C GLY A 170 4.17 -0.83 -4.19
N ASP A 171 4.22 -1.93 -4.94
CA ASP A 171 5.34 -2.09 -5.85
C ASP A 171 5.23 -1.06 -7.00
N LEU A 172 6.38 -0.47 -7.32
CA LEU A 172 6.51 0.56 -8.37
C LEU A 172 7.02 -0.01 -9.68
N LYS A 173 6.39 0.41 -10.79
CA LYS A 173 6.77 -0.07 -12.13
C LYS A 173 6.80 1.08 -13.12
N TYR A 174 7.84 1.13 -13.92
CA TYR A 174 7.97 2.21 -14.87
C TYR A 174 7.04 1.99 -16.07
N VAL A 175 6.31 3.03 -16.48
CA VAL A 175 5.42 2.87 -17.63
C VAL A 175 6.11 3.38 -18.88
N GLY A 176 6.64 4.59 -18.83
CA GLY A 176 7.33 5.11 -20.00
C GLY A 176 7.54 6.60 -19.92
N TRP A 177 8.01 7.19 -21.02
CA TRP A 177 8.17 8.62 -21.07
C TRP A 177 7.76 9.18 -22.41
N ILE A 178 7.46 10.47 -22.43
CA ILE A 178 7.09 11.13 -23.68
C ILE A 178 7.97 12.35 -23.87
N ASN A 179 8.58 12.44 -25.06
CA ASN A 179 9.43 13.58 -25.37
C ASN A 179 8.45 14.74 -25.61
N THR A 180 8.54 15.79 -24.78
CA THR A 180 7.59 16.89 -24.89
C THR A 180 7.81 17.85 -26.06
N GLU A 181 8.85 17.62 -26.85
CA GLU A 181 9.12 18.46 -28.00
C GLU A 181 8.80 17.69 -29.30
N THR A 182 9.16 16.41 -29.36
CA THR A 182 8.89 15.59 -30.55
C THR A 182 7.56 14.80 -30.48
N ASP A 183 6.97 14.73 -29.30
CA ASP A 183 5.70 14.01 -29.08
C ASP A 183 5.90 12.51 -29.28
N GLU A 184 7.13 12.06 -29.16
CA GLU A 184 7.44 10.64 -29.29
C GLU A 184 7.43 9.95 -27.92
N PRO A 185 6.70 8.85 -27.79
CA PRO A 185 6.63 8.11 -26.51
C PRO A 185 7.51 6.86 -26.54
N THR A 186 7.82 6.34 -25.37
CA THR A 186 8.59 5.10 -25.27
C THR A 186 8.02 4.35 -24.07
N PHE A 187 7.65 3.09 -24.29
CA PHE A 187 7.06 2.25 -23.25
C PHE A 187 7.92 1.09 -22.78
N ALA A 188 7.76 0.75 -21.50
CA ALA A 188 8.46 -0.40 -20.94
C ALA A 188 7.65 -1.57 -21.49
N ASP A 189 8.32 -2.66 -21.85
CA ASP A 189 7.62 -3.80 -22.45
C ASP A 189 6.30 -4.20 -21.85
N ASP A 190 6.17 -4.17 -20.54
CA ASP A 190 4.90 -4.55 -19.93
C ASP A 190 3.73 -3.59 -20.19
N PHE A 191 4.01 -2.42 -20.76
CA PHE A 191 2.95 -1.45 -21.04
C PHE A 191 2.83 -1.10 -22.51
N LYS A 192 3.11 -2.09 -23.35
CA LYS A 192 3.03 -1.89 -24.79
C LYS A 192 1.69 -2.42 -25.23
N GLY A 193 0.86 -1.53 -25.75
CA GLY A 193 -0.45 -1.94 -26.19
C GLY A 193 -1.62 -1.09 -25.76
N ARG A 194 -2.03 -1.22 -24.50
CA ARG A 194 -3.20 -0.48 -24.03
C ARG A 194 -2.95 0.90 -23.42
N PHE A 195 -1.70 1.35 -23.42
CA PHE A 195 -1.36 2.64 -22.83
C PHE A 195 -0.89 3.60 -23.92
N ALA A 196 -1.28 4.86 -23.79
CA ALA A 196 -0.88 5.87 -24.77
C ALA A 196 -0.61 7.20 -24.09
N PHE A 197 0.46 7.88 -24.52
CA PHE A 197 0.80 9.19 -23.97
C PHE A 197 0.46 10.25 -24.98
N SER A 198 0.03 11.41 -24.51
CA SER A 198 -0.27 12.50 -25.43
C SER A 198 -0.03 13.76 -24.61
N LEU A 199 -0.05 14.92 -25.26
CA LEU A 199 0.17 16.13 -24.52
C LEU A 199 -0.60 17.31 -25.10
N ASP A 200 -0.74 18.36 -24.30
CA ASP A 200 -1.41 19.57 -24.73
C ASP A 200 -0.52 20.74 -24.26
N THR A 201 0.27 21.31 -25.15
CA THR A 201 1.14 22.39 -24.71
C THR A 201 0.39 23.66 -24.31
N SER A 202 -0.78 23.89 -24.88
CA SER A 202 -1.56 25.09 -24.52
C SER A 202 -1.93 25.06 -23.01
N THR A 203 -2.09 23.87 -22.46
CA THR A 203 -2.38 23.76 -21.03
C THR A 203 -1.19 23.21 -20.21
N SER A 204 -0.01 23.10 -20.83
CA SER A 204 1.19 22.57 -20.17
C SER A 204 0.84 21.23 -19.53
N THR A 205 0.07 20.42 -20.24
CA THR A 205 -0.38 19.16 -19.66
C THR A 205 0.01 17.91 -20.44
N ALA A 206 0.38 16.86 -19.69
CA ALA A 206 0.73 15.55 -20.27
C ALA A 206 -0.38 14.59 -19.86
N PHE A 207 -0.72 13.63 -20.73
CA PHE A 207 -1.77 12.69 -20.38
C PHE A 207 -1.32 11.27 -20.56
N LEU A 208 -1.91 10.37 -19.78
CA LEU A 208 -1.66 8.94 -19.91
C LEU A 208 -3.05 8.35 -20.10
N GLN A 209 -3.28 7.68 -21.23
CA GLN A 209 -4.59 7.08 -21.50
C GLN A 209 -4.46 5.56 -21.44
N ILE A 210 -5.44 4.92 -20.79
CA ILE A 210 -5.46 3.48 -20.62
C ILE A 210 -6.76 2.96 -21.24
N ASN A 211 -6.62 2.12 -22.25
CA ASN A 211 -7.76 1.53 -22.96
C ASN A 211 -8.14 0.17 -22.43
N ASN A 212 -9.45 -0.06 -22.35
CA ASN A 212 -9.99 -1.35 -21.92
C ASN A 212 -9.52 -1.72 -20.51
N LEU A 213 -9.99 -0.96 -19.55
CA LEU A 213 -9.61 -1.15 -18.18
C LEU A 213 -9.77 -2.57 -17.65
N LYS A 214 -8.66 -3.10 -17.13
CA LYS A 214 -8.58 -4.43 -16.56
C LYS A 214 -8.26 -4.35 -15.07
N ASN A 215 -8.50 -5.46 -14.37
CA ASN A 215 -8.25 -5.51 -12.93
C ASN A 215 -6.80 -5.15 -12.58
N GLU A 216 -5.86 -5.64 -13.39
CA GLU A 216 -4.45 -5.37 -13.15
C GLU A 216 -4.05 -3.91 -13.40
N ASP A 217 -5.01 -3.05 -13.74
CA ASP A 217 -4.68 -1.66 -13.99
C ASP A 217 -5.00 -0.81 -12.79
N THR A 218 -5.69 -1.39 -11.82
CA THR A 218 -6.02 -0.67 -10.59
C THR A 218 -4.69 -0.24 -9.95
N ALA A 219 -4.55 1.06 -9.67
CA ALA A 219 -3.30 1.58 -9.13
C ALA A 219 -3.29 3.10 -9.10
N THR A 220 -2.20 3.64 -8.55
CA THR A 220 -1.97 5.06 -8.49
C THR A 220 -0.90 5.28 -9.55
N TYR A 221 -1.18 6.22 -10.45
CA TYR A 221 -0.24 6.48 -11.53
C TYR A 221 0.31 7.85 -11.24
N PHE A 222 1.63 7.93 -11.31
CA PHE A 222 2.38 9.14 -11.07
C PHE A 222 3.02 9.67 -12.33
N CYS A 223 3.01 10.98 -12.53
CA CYS A 223 3.76 11.57 -13.64
C CYS A 223 4.95 12.08 -12.85
N VAL A 224 6.12 12.04 -13.46
CA VAL A 224 7.37 12.42 -12.79
C VAL A 224 8.28 13.20 -13.75
N ARG A 225 8.97 14.20 -13.20
CA ARG A 225 9.90 15.07 -13.92
C ARG A 225 11.33 14.70 -13.48
N ASP A 226 12.23 14.51 -14.44
CA ASP A 226 13.63 14.19 -14.12
C ASP A 226 14.47 15.48 -14.15
N ARG A 227 15.73 15.38 -13.72
CA ARG A 227 16.71 16.47 -13.78
C ARG A 227 17.96 15.66 -14.11
N HIS A 228 17.81 14.79 -15.10
CA HIS A 228 18.91 13.92 -15.48
C HIS A 228 20.21 14.65 -15.75
N ASP A 229 20.15 15.91 -16.21
CA ASP A 229 21.38 16.65 -16.48
C ASP A 229 22.09 17.15 -15.21
N TYR A 230 21.45 16.92 -14.05
CA TYR A 230 21.97 17.25 -12.72
C TYR A 230 22.36 15.92 -12.06
N GLY A 231 22.10 14.80 -12.75
CA GLY A 231 22.43 13.50 -12.21
C GLY A 231 21.25 12.81 -11.49
N GLU A 232 20.07 13.43 -11.51
CA GLU A 232 18.86 12.91 -10.82
C GLU A 232 17.84 12.35 -11.80
N ILE A 233 17.27 11.18 -11.50
CA ILE A 233 16.30 10.58 -12.43
C ILE A 233 14.84 10.94 -12.11
N PHE A 234 14.38 10.69 -10.88
CA PHE A 234 13.00 11.08 -10.59
C PHE A 234 12.95 12.08 -9.47
N THR A 235 13.11 13.35 -9.84
CA THR A 235 13.12 14.43 -8.87
C THR A 235 11.79 15.03 -8.40
N TYR A 236 10.83 15.19 -9.31
CA TYR A 236 9.55 15.81 -8.96
C TYR A 236 8.43 14.88 -9.36
N TRP A 237 7.62 14.52 -8.36
CA TRP A 237 6.52 13.59 -8.56
C TRP A 237 5.20 14.29 -8.40
N GLY A 238 4.24 13.88 -9.22
CA GLY A 238 2.90 14.42 -9.05
C GLY A 238 2.35 13.76 -7.79
N GLN A 239 1.19 14.20 -7.34
CA GLN A 239 0.56 13.65 -6.14
C GLN A 239 -0.06 12.28 -6.45
N GLY A 240 -0.04 11.90 -7.73
CA GLY A 240 -0.60 10.61 -8.10
C GLY A 240 -2.11 10.64 -8.38
N THR A 241 -2.56 9.70 -9.21
CA THR A 241 -3.96 9.56 -9.57
C THR A 241 -4.33 8.10 -9.42
N THR A 242 -5.26 7.83 -8.51
CA THR A 242 -5.68 6.46 -8.29
C THR A 242 -6.78 6.05 -9.25
N VAL A 243 -6.55 4.96 -9.95
CA VAL A 243 -7.56 4.42 -10.85
C VAL A 243 -8.05 3.08 -10.27
N THR A 244 -9.30 3.06 -9.83
CA THR A 244 -9.90 1.88 -9.25
C THR A 244 -10.81 1.22 -10.28
N VAL A 245 -10.49 0.01 -10.69
CA VAL A 245 -11.34 -0.68 -11.65
C VAL A 245 -12.28 -1.61 -10.88
N SER A 246 -13.47 -1.10 -10.62
CA SER A 246 -14.50 -1.86 -9.92
C SER A 246 -15.29 -2.68 -10.92
N SER A 247 -14.82 -3.89 -11.19
CA SER A 247 -15.49 -4.80 -12.11
C SER A 247 -16.91 -5.08 -11.63
N ASP B 1 -23.79 -11.85 6.44
CA ASP B 1 -24.75 -11.01 5.71
C ASP B 1 -24.83 -9.61 6.28
N ILE B 2 -24.61 -9.47 7.58
CA ILE B 2 -24.68 -8.18 8.29
C ILE B 2 -24.05 -7.01 7.56
N LEU B 3 -24.88 -6.03 7.25
CA LEU B 3 -24.42 -4.84 6.55
C LEU B 3 -23.91 -3.80 7.54
N MET B 4 -22.73 -3.27 7.27
CA MET B 4 -22.16 -2.21 8.11
C MET B 4 -22.16 -0.96 7.22
N THR B 5 -22.97 0.02 7.62
CA THR B 5 -23.12 1.27 6.88
C THR B 5 -22.56 2.48 7.66
N GLN B 6 -21.50 3.06 7.12
CA GLN B 6 -20.84 4.22 7.74
C GLN B 6 -21.26 5.54 7.09
N THR B 7 -21.40 6.57 7.92
CA THR B 7 -21.77 7.93 7.49
C THR B 7 -20.75 8.88 8.11
N PRO B 8 -20.11 9.77 7.32
CA PRO B 8 -20.17 10.04 5.88
C PRO B 8 -19.18 9.16 5.16
N LEU B 9 -19.15 9.30 3.84
CA LEU B 9 -18.25 8.56 2.98
C LEU B 9 -16.90 9.27 2.98
N TYR B 10 -16.94 10.60 2.93
CA TYR B 10 -15.72 11.41 2.93
C TYR B 10 -15.94 12.43 4.02
N LEU B 11 -14.88 12.74 4.77
CA LEU B 11 -15.01 13.69 5.86
C LEU B 11 -13.90 14.70 5.79
N PRO B 12 -14.12 15.78 5.03
CA PRO B 12 -13.11 16.83 4.89
C PRO B 12 -13.05 17.63 6.21
N VAL B 13 -11.85 17.90 6.70
CA VAL B 13 -11.67 18.70 7.92
C VAL B 13 -10.39 19.53 7.89
N SER B 14 -10.28 20.45 8.85
CA SER B 14 -9.06 21.25 9.00
C SER B 14 -8.38 20.60 10.21
N LEU B 15 -7.05 20.62 10.27
CA LEU B 15 -6.36 20.00 11.40
C LEU B 15 -6.80 20.69 12.68
N GLY B 16 -6.90 19.91 13.76
CA GLY B 16 -7.33 20.47 15.03
C GLY B 16 -8.83 20.45 15.23
N ASP B 17 -9.56 20.10 14.17
CA ASP B 17 -11.03 20.05 14.26
C ASP B 17 -11.53 18.77 14.89
N GLN B 18 -12.76 18.80 15.33
CA GLN B 18 -13.38 17.63 15.88
C GLN B 18 -13.90 16.87 14.61
N ALA B 19 -14.03 15.54 14.70
CA ALA B 19 -14.55 14.73 13.60
C ALA B 19 -15.40 13.64 14.23
N SER B 20 -16.49 13.29 13.56
CA SER B 20 -17.34 12.25 14.10
C SER B 20 -17.74 11.35 12.96
N ILE B 21 -17.71 10.05 13.21
CA ILE B 21 -18.08 9.10 12.15
C ILE B 21 -19.15 8.18 12.72
N SER B 22 -20.18 7.92 11.92
CA SER B 22 -21.27 7.05 12.31
C SER B 22 -21.20 5.73 11.58
N CYS B 23 -21.73 4.70 12.21
CA CYS B 23 -21.73 3.39 11.63
C CYS B 23 -23.00 2.67 12.08
N ARG B 24 -23.76 2.17 11.10
CA ARG B 24 -24.98 1.46 11.41
C ARG B 24 -24.94 0.03 10.85
N SER B 25 -25.30 -0.90 11.72
CA SER B 25 -25.33 -2.31 11.35
C SER B 25 -26.78 -2.65 11.03
N SER B 26 -26.97 -3.56 10.07
CA SER B 26 -28.32 -3.96 9.65
C SER B 26 -29.09 -4.76 10.70
N GLN B 27 -28.40 -5.13 11.77
CA GLN B 27 -29.00 -5.89 12.88
C GLN B 27 -28.30 -5.51 14.17
N THR B 28 -28.89 -5.89 15.29
CA THR B 28 -28.26 -5.63 16.57
C THR B 28 -27.06 -6.55 16.54
N ILE B 29 -26.01 -6.22 17.29
CA ILE B 29 -24.81 -7.06 17.28
C ILE B 29 -24.28 -7.48 18.65
N VAL B 30 -25.14 -8.03 19.48
CA VAL B 30 -24.70 -8.51 20.78
C VAL B 30 -24.43 -9.99 20.66
N HIS B 31 -23.28 -10.41 21.17
CA HIS B 31 -22.90 -11.82 21.11
C HIS B 31 -23.55 -12.64 22.22
N ASN B 32 -23.77 -13.92 21.93
CA ASN B 32 -24.38 -14.87 22.86
C ASN B 32 -23.70 -14.84 24.23
N ASN B 33 -22.45 -14.39 24.26
CA ASN B 33 -21.73 -14.31 25.54
C ASN B 33 -22.02 -12.98 26.23
N GLY B 34 -22.79 -12.12 25.56
CA GLY B 34 -23.15 -10.85 26.14
C GLY B 34 -22.33 -9.66 25.69
N ASN B 35 -21.26 -9.92 24.96
CA ASN B 35 -20.38 -8.87 24.47
C ASN B 35 -20.79 -8.34 23.11
N THR B 36 -20.41 -7.10 22.82
CA THR B 36 -20.70 -6.49 21.51
C THR B 36 -19.34 -6.20 20.87
N TYR B 37 -18.99 -7.04 19.89
CA TYR B 37 -17.70 -6.89 19.22
C TYR B 37 -17.68 -5.90 18.08
N LEU B 38 -17.93 -4.63 18.39
CA LEU B 38 -17.90 -3.60 17.37
C LEU B 38 -16.56 -2.90 17.48
N GLU B 39 -15.75 -2.95 16.41
CA GLU B 39 -14.43 -2.31 16.43
C GLU B 39 -14.29 -1.22 15.37
N TRP B 40 -13.26 -0.37 15.53
CA TRP B 40 -12.95 0.70 14.57
C TRP B 40 -11.47 0.61 14.22
N TYR B 41 -11.19 0.67 12.91
CA TYR B 41 -9.85 0.60 12.36
C TYR B 41 -9.54 1.81 11.50
N LEU B 42 -8.26 2.11 11.42
CA LEU B 42 -7.75 3.20 10.61
C LEU B 42 -6.71 2.57 9.70
N GLN B 43 -6.78 2.90 8.41
CA GLN B 43 -5.82 2.38 7.47
C GLN B 43 -5.29 3.52 6.62
N LYS B 44 -3.97 3.68 6.63
CA LYS B 44 -3.29 4.68 5.81
C LYS B 44 -2.99 4.02 4.45
N PRO B 45 -2.95 4.82 3.37
CA PRO B 45 -2.67 4.24 2.05
C PRO B 45 -1.44 3.33 2.02
N GLY B 46 -1.63 2.11 1.52
CA GLY B 46 -0.53 1.17 1.41
C GLY B 46 -0.12 0.48 2.69
N GLN B 47 -0.68 0.89 3.82
CA GLN B 47 -0.37 0.26 5.11
C GLN B 47 -1.50 -0.70 5.41
N SER B 48 -1.45 -1.36 6.56
CA SER B 48 -2.53 -2.25 6.91
C SER B 48 -3.43 -1.59 7.94
N PRO B 49 -4.69 -2.02 8.02
CA PRO B 49 -5.60 -1.44 9.00
C PRO B 49 -4.99 -1.60 10.39
N GLN B 50 -5.26 -0.64 11.28
CA GLN B 50 -4.77 -0.72 12.64
C GLN B 50 -5.99 -0.52 13.54
N LEU B 51 -6.10 -1.36 14.57
CA LEU B 51 -7.22 -1.34 15.49
C LEU B 51 -7.22 -0.12 16.42
N LEU B 52 -8.34 0.58 16.46
CA LEU B 52 -8.48 1.78 17.30
C LEU B 52 -9.34 1.57 18.50
N ILE B 53 -10.52 1.01 18.26
CA ILE B 53 -11.52 0.78 19.28
C ILE B 53 -12.09 -0.65 19.18
N TYR B 54 -12.32 -1.27 20.34
CA TYR B 54 -12.88 -2.62 20.42
C TYR B 54 -13.94 -2.62 21.53
N LYS B 55 -14.87 -3.57 21.41
CA LYS B 55 -15.98 -3.69 22.35
C LYS B 55 -16.72 -2.35 22.45
N VAL B 56 -16.84 -1.70 21.29
CA VAL B 56 -17.56 -0.44 21.13
C VAL B 56 -16.93 0.83 21.63
N SER B 57 -16.38 0.80 22.84
CA SER B 57 -15.85 2.02 23.42
C SER B 57 -14.52 1.94 24.15
N ASN B 58 -13.78 0.84 23.98
CA ASN B 58 -12.51 0.74 24.67
C ASN B 58 -11.37 1.02 23.72
N ARG B 59 -10.46 1.94 24.09
CA ARG B 59 -9.31 2.24 23.23
C ARG B 59 -8.33 1.10 23.31
N PHE B 60 -7.81 0.73 22.14
CA PHE B 60 -6.82 -0.35 22.06
C PHE B 60 -5.51 0.26 22.55
N SER B 61 -4.55 -0.62 22.87
CA SER B 61 -3.24 -0.20 23.34
C SER B 61 -2.54 0.79 22.39
N GLY B 62 -1.92 1.82 22.98
CA GLY B 62 -1.20 2.82 22.20
C GLY B 62 -2.07 3.86 21.53
N VAL B 63 -3.39 3.70 21.58
CA VAL B 63 -4.29 4.67 20.95
C VAL B 63 -4.53 5.89 21.82
N PRO B 64 -4.19 7.11 21.33
CA PRO B 64 -4.37 8.37 22.08
C PRO B 64 -5.83 8.61 22.48
N ASP B 65 -6.02 9.31 23.60
CA ASP B 65 -7.35 9.57 24.13
C ASP B 65 -8.23 10.60 23.42
N ARG B 66 -7.81 11.09 22.26
CA ARG B 66 -8.69 11.98 21.50
C ARG B 66 -9.70 11.10 20.75
N PHE B 67 -9.46 9.79 20.74
CA PHE B 67 -10.38 8.89 20.07
C PHE B 67 -11.36 8.33 21.11
N SER B 68 -12.64 8.36 20.77
CA SER B 68 -13.64 7.82 21.67
C SER B 68 -14.70 7.09 20.83
N GLY B 69 -15.17 5.96 21.35
CA GLY B 69 -16.19 5.17 20.68
C GLY B 69 -17.39 5.04 21.57
N SER B 70 -18.59 5.05 20.98
CA SER B 70 -19.85 4.92 21.73
C SER B 70 -20.95 4.31 20.85
N GLY B 71 -22.14 4.19 21.43
CA GLY B 71 -23.26 3.63 20.69
C GLY B 71 -23.83 2.37 21.31
N SER B 72 -24.85 1.83 20.64
CA SER B 72 -25.52 0.62 21.09
C SER B 72 -26.54 0.17 20.04
N GLY B 73 -27.03 -1.04 20.19
CA GLY B 73 -28.00 -1.55 19.23
C GLY B 73 -27.46 -1.55 17.81
N THR B 74 -27.88 -0.59 17.00
CA THR B 74 -27.41 -0.54 15.63
C THR B 74 -26.73 0.78 15.25
N ASP B 75 -26.62 1.68 16.23
CA ASP B 75 -26.01 2.98 15.98
C ASP B 75 -24.71 3.16 16.76
N PHE B 76 -23.61 3.28 16.02
CA PHE B 76 -22.29 3.44 16.62
C PHE B 76 -21.55 4.65 16.09
N THR B 77 -20.81 5.31 16.99
CA THR B 77 -20.08 6.51 16.65
C THR B 77 -18.64 6.59 17.13
N LEU B 78 -17.77 7.02 16.24
CA LEU B 78 -16.36 7.21 16.54
C LEU B 78 -16.10 8.70 16.57
N LYS B 79 -15.56 9.19 17.68
CA LYS B 79 -15.23 10.62 17.75
C LYS B 79 -13.73 10.87 17.91
N ILE B 80 -13.28 11.96 17.29
CA ILE B 80 -11.90 12.39 17.38
C ILE B 80 -12.02 13.84 17.86
N SER B 81 -11.68 14.09 19.12
CA SER B 81 -11.80 15.45 19.67
C SER B 81 -11.03 16.52 18.91
N ARG B 82 -9.81 16.22 18.47
CA ARG B 82 -8.97 17.15 17.72
C ARG B 82 -8.27 16.31 16.67
N VAL B 83 -8.50 16.62 15.40
CA VAL B 83 -7.85 15.86 14.35
C VAL B 83 -6.40 16.30 14.08
N GLU B 84 -5.49 15.34 14.12
CA GLU B 84 -4.11 15.66 13.80
C GLU B 84 -3.72 14.93 12.53
N ALA B 85 -2.65 15.40 11.87
CA ALA B 85 -2.23 14.80 10.61
C ALA B 85 -2.04 13.27 10.64
N GLU B 86 -1.43 12.74 11.69
CA GLU B 86 -1.25 11.31 11.75
C GLU B 86 -2.59 10.56 11.75
N ASP B 87 -3.69 11.28 11.93
CA ASP B 87 -5.03 10.65 11.96
C ASP B 87 -5.72 10.48 10.60
N LEU B 88 -5.19 11.10 9.57
CA LEU B 88 -5.80 11.03 8.26
C LEU B 88 -5.66 9.65 7.60
N GLY B 89 -6.71 9.24 6.90
CA GLY B 89 -6.73 7.95 6.22
C GLY B 89 -8.17 7.46 6.16
N ILE B 90 -8.38 6.15 5.97
CA ILE B 90 -9.74 5.59 5.89
C ILE B 90 -10.08 4.82 7.16
N TYR B 91 -11.23 5.16 7.74
CA TYR B 91 -11.73 4.53 8.97
C TYR B 91 -12.80 3.50 8.63
N TYR B 92 -12.70 2.32 9.20
CA TYR B 92 -13.69 1.27 8.95
C TYR B 92 -14.25 0.82 10.26
N CYS B 93 -15.56 0.59 10.33
CA CYS B 93 -16.15 0.04 11.53
C CYS B 93 -16.24 -1.45 11.21
N PHE B 94 -16.58 -2.27 12.20
CA PHE B 94 -16.52 -3.70 12.02
C PHE B 94 -17.31 -4.37 13.12
N GLN B 95 -17.93 -5.51 12.81
CA GLN B 95 -18.65 -6.26 13.83
C GLN B 95 -18.08 -7.67 13.75
N GLY B 96 -17.83 -8.26 14.91
CA GLY B 96 -17.31 -9.60 14.97
C GLY B 96 -18.19 -10.46 15.86
N SER B 97 -19.31 -9.89 16.29
CA SER B 97 -20.28 -10.59 17.13
C SER B 97 -20.89 -11.78 16.40
N HIS B 98 -21.22 -11.60 15.13
CA HIS B 98 -21.83 -12.68 14.36
C HIS B 98 -21.09 -13.00 13.09
N PHE B 99 -20.76 -14.29 12.94
CA PHE B 99 -20.05 -14.79 11.77
C PHE B 99 -20.94 -14.72 10.54
N PRO B 100 -20.37 -14.34 9.38
CA PRO B 100 -18.97 -13.97 9.16
C PRO B 100 -18.75 -12.52 9.61
N PRO B 101 -17.57 -12.20 10.17
CA PRO B 101 -17.38 -10.80 10.58
C PRO B 101 -17.39 -9.91 9.35
N THR B 102 -18.02 -8.75 9.47
CA THR B 102 -18.11 -7.83 8.35
C THR B 102 -17.58 -6.45 8.67
N PHE B 103 -17.10 -5.78 7.63
CA PHE B 103 -16.57 -4.44 7.73
C PHE B 103 -17.48 -3.40 7.11
N GLY B 104 -17.57 -2.23 7.74
CA GLY B 104 -18.34 -1.14 7.18
C GLY B 104 -17.55 -0.80 5.93
N GLY B 105 -18.08 0.08 5.07
CA GLY B 105 -17.39 0.42 3.83
C GLY B 105 -16.29 1.46 3.92
N GLY B 106 -16.10 2.05 5.09
CA GLY B 106 -15.02 3.02 5.23
C GLY B 106 -15.41 4.47 5.11
N THR B 107 -14.65 5.34 5.78
CA THR B 107 -14.91 6.79 5.72
C THR B 107 -13.52 7.41 5.57
N LYS B 108 -13.32 8.24 4.55
CA LYS B 108 -12.01 8.85 4.35
C LYS B 108 -11.89 10.20 5.06
N LEU B 109 -11.03 10.26 6.07
CA LEU B 109 -10.80 11.50 6.83
C LEU B 109 -9.67 12.17 6.09
N GLU B 110 -9.93 13.37 5.56
CA GLU B 110 -8.96 14.13 4.74
C GLU B 110 -8.95 15.63 5.08
N ILE B 111 -7.88 16.32 4.69
CA ILE B 111 -7.78 17.76 4.93
C ILE B 111 -8.43 18.52 3.76
N LYS B 112 -9.06 19.66 4.06
CA LYS B 112 -9.72 20.49 3.05
C LYS B 112 -8.81 20.91 1.89
N GLU B 128 4.71 -6.96 20.87
CA GLU B 128 5.84 -7.22 19.94
C GLU B 128 5.41 -8.17 18.80
N VAL B 129 4.25 -8.81 18.97
CA VAL B 129 3.73 -9.74 17.95
C VAL B 129 3.90 -9.11 16.57
N GLN B 130 4.50 -9.87 15.65
CA GLN B 130 4.73 -9.34 14.33
C GLN B 130 4.36 -10.34 13.22
N LEU B 131 3.71 -9.87 12.17
CA LEU B 131 3.31 -10.73 11.07
C LEU B 131 3.90 -10.22 9.77
N GLN B 132 4.79 -11.03 9.20
CA GLN B 132 5.48 -10.68 7.95
C GLN B 132 5.01 -11.57 6.81
N GLN B 133 4.47 -10.96 5.76
CA GLN B 133 3.96 -11.72 4.64
C GLN B 133 4.92 -11.71 3.46
N SER B 134 4.66 -12.59 2.51
CA SER B 134 5.49 -12.74 1.32
C SER B 134 5.28 -11.54 0.40
N GLY B 135 6.33 -11.20 -0.35
CA GLY B 135 6.25 -10.06 -1.25
C GLY B 135 5.11 -10.10 -2.25
N PRO B 136 4.97 -9.02 -3.04
CA PRO B 136 3.92 -8.87 -4.06
C PRO B 136 4.04 -9.98 -5.10
N GLU B 137 2.90 -10.47 -5.58
CA GLU B 137 2.89 -11.56 -6.54
C GLU B 137 2.35 -11.21 -7.93
N LEU B 138 3.24 -10.97 -8.88
CA LEU B 138 2.85 -10.67 -10.25
C LEU B 138 2.51 -12.00 -10.92
N LYS B 139 1.22 -12.27 -11.09
CA LYS B 139 0.78 -13.52 -11.71
C LYS B 139 -0.06 -13.29 -12.95
N LYS B 140 -0.54 -14.40 -13.51
CA LYS B 140 -1.40 -14.39 -14.68
C LYS B 140 -2.49 -15.41 -14.36
N PRO B 141 -3.73 -15.21 -14.88
CA PRO B 141 -4.82 -16.14 -14.62
C PRO B 141 -4.37 -17.58 -14.77
N GLY B 142 -5.05 -18.49 -14.06
CA GLY B 142 -4.67 -19.88 -14.14
C GLY B 142 -3.51 -20.19 -13.22
N GLU B 143 -2.51 -19.31 -13.17
CA GLU B 143 -1.38 -19.52 -12.29
C GLU B 143 -1.90 -19.85 -10.89
N THR B 144 -1.01 -20.24 -10.00
CA THR B 144 -1.43 -20.52 -8.65
C THR B 144 -0.52 -19.73 -7.74
N VAL B 145 -1.06 -19.28 -6.62
CA VAL B 145 -0.26 -18.51 -5.69
C VAL B 145 -0.39 -19.03 -4.26
N LYS B 146 0.74 -18.96 -3.58
CA LYS B 146 0.87 -19.41 -2.20
C LYS B 146 1.35 -18.23 -1.38
N ILE B 147 0.43 -17.59 -0.67
CA ILE B 147 0.81 -16.46 0.15
C ILE B 147 1.25 -16.99 1.52
N SER B 148 2.37 -16.49 2.00
CA SER B 148 2.88 -16.93 3.26
C SER B 148 2.85 -15.79 4.28
N CYS B 149 2.72 -16.16 5.54
CA CYS B 149 2.65 -15.22 6.64
C CYS B 149 3.43 -15.75 7.81
N LYS B 150 4.61 -15.16 8.03
CA LYS B 150 5.44 -15.58 9.15
C LYS B 150 5.08 -14.81 10.40
N ALA B 151 4.69 -15.55 11.43
CA ALA B 151 4.31 -14.97 12.69
C ALA B 151 5.45 -15.09 13.67
N THR B 152 5.96 -13.97 14.14
CA THR B 152 7.03 -14.03 15.11
C THR B 152 6.57 -13.42 16.44
N ASN B 153 7.38 -13.68 17.46
CA ASN B 153 7.18 -13.17 18.81
C ASN B 153 6.03 -13.68 19.65
N TYR B 154 5.65 -14.93 19.43
CA TYR B 154 4.61 -15.57 20.24
C TYR B 154 4.48 -17.05 19.85
N ALA B 155 3.74 -17.83 20.66
CA ALA B 155 3.56 -19.26 20.39
C ALA B 155 2.56 -19.51 19.27
N PHE B 156 3.08 -19.61 18.05
CA PHE B 156 2.28 -19.84 16.85
C PHE B 156 1.05 -20.76 17.02
N THR B 157 1.18 -21.80 17.83
CA THR B 157 0.07 -22.74 18.03
C THR B 157 -0.92 -22.30 19.11
N ASP B 158 -0.59 -21.22 19.79
CA ASP B 158 -1.44 -20.69 20.83
C ASP B 158 -2.75 -20.08 20.29
N TYR B 159 -2.63 -19.42 19.13
CA TYR B 159 -3.75 -18.72 18.52
C TYR B 159 -4.00 -19.13 17.09
N SER B 160 -5.21 -18.90 16.59
CA SER B 160 -5.56 -19.23 15.20
C SER B 160 -4.96 -18.16 14.26
N MET B 161 -5.15 -18.32 12.96
CA MET B 161 -4.68 -17.28 12.03
C MET B 161 -5.85 -17.01 11.12
N HIS B 162 -6.23 -15.73 11.07
CA HIS B 162 -7.35 -15.28 10.23
C HIS B 162 -6.83 -14.67 8.94
N TRP B 163 -7.66 -14.69 7.91
CA TRP B 163 -7.28 -14.10 6.66
C TRP B 163 -8.41 -13.18 6.23
N VAL B 164 -8.02 -11.99 5.77
CA VAL B 164 -8.97 -10.97 5.34
C VAL B 164 -8.58 -10.52 3.93
N LYS B 165 -9.58 -10.35 3.07
CA LYS B 165 -9.32 -9.90 1.71
C LYS B 165 -9.74 -8.44 1.49
N GLN B 166 -8.87 -7.64 0.86
CA GLN B 166 -9.26 -6.27 0.61
C GLN B 166 -9.37 -6.05 -0.90
N ALA B 167 -10.62 -5.86 -1.35
CA ALA B 167 -10.97 -5.63 -2.74
C ALA B 167 -10.47 -4.29 -3.24
N PRO B 168 -10.27 -4.17 -4.57
CA PRO B 168 -9.81 -2.95 -5.22
C PRO B 168 -10.41 -1.65 -4.67
N GLY B 169 -11.73 -1.63 -4.53
CA GLY B 169 -12.38 -0.44 -4.02
C GLY B 169 -12.20 -0.25 -2.52
N GLY B 170 -11.23 -0.98 -1.95
CA GLY B 170 -10.99 -0.89 -0.52
C GLY B 170 -11.93 -1.72 0.34
N ASP B 171 -12.90 -2.41 -0.27
CA ASP B 171 -13.83 -3.24 0.49
C ASP B 171 -13.03 -4.37 1.17
N LEU B 172 -13.29 -4.59 2.45
CA LEU B 172 -12.58 -5.63 3.20
C LEU B 172 -13.52 -6.78 3.39
N LYS B 173 -13.05 -8.00 3.14
CA LYS B 173 -13.88 -9.19 3.34
C LYS B 173 -13.13 -10.34 4.04
N TYR B 174 -13.79 -10.94 5.01
CA TYR B 174 -13.25 -12.07 5.79
C TYR B 174 -13.19 -13.35 4.95
N VAL B 175 -12.02 -13.97 4.89
CA VAL B 175 -11.84 -15.21 4.13
C VAL B 175 -12.10 -16.41 5.03
N GLY B 176 -11.58 -16.36 6.25
CA GLY B 176 -11.78 -17.45 7.20
C GLY B 176 -10.59 -17.56 8.11
N TRP B 177 -10.51 -18.66 8.86
CA TRP B 177 -9.40 -18.85 9.77
C TRP B 177 -9.00 -20.33 9.87
N ILE B 178 -7.82 -20.58 10.42
CA ILE B 178 -7.36 -21.95 10.57
C ILE B 178 -6.85 -22.14 11.99
N ASN B 179 -7.27 -23.25 12.61
CA ASN B 179 -6.87 -23.64 13.96
C ASN B 179 -5.40 -24.07 13.79
N THR B 180 -4.49 -23.39 14.49
CA THR B 180 -3.09 -23.73 14.35
C THR B 180 -2.66 -25.01 15.08
N GLU B 181 -3.51 -25.52 15.97
CA GLU B 181 -3.20 -26.76 16.69
C GLU B 181 -3.78 -27.95 15.95
N THR B 182 -5.07 -27.86 15.65
CA THR B 182 -5.79 -28.91 14.97
C THR B 182 -5.69 -28.83 13.43
N ASP B 183 -5.23 -27.68 12.94
CA ASP B 183 -5.08 -27.47 11.49
C ASP B 183 -6.40 -27.45 10.73
N GLU B 184 -7.51 -27.23 11.44
CA GLU B 184 -8.81 -27.18 10.79
C GLU B 184 -9.17 -25.80 10.23
N PRO B 185 -9.37 -25.70 8.91
CA PRO B 185 -9.73 -24.41 8.32
C PRO B 185 -11.24 -24.22 8.30
N THR B 186 -11.67 -22.98 8.54
CA THR B 186 -13.07 -22.62 8.51
C THR B 186 -13.17 -21.53 7.46
N PHE B 187 -14.03 -21.70 6.46
CA PHE B 187 -14.16 -20.71 5.41
C PHE B 187 -15.47 -19.92 5.35
N ALA B 188 -15.43 -18.81 4.62
CA ALA B 188 -16.59 -17.96 4.41
C ALA B 188 -17.09 -18.37 3.03
N ASP B 189 -18.39 -18.61 2.94
CA ASP B 189 -19.03 -19.05 1.71
C ASP B 189 -18.43 -18.59 0.39
N ASP B 190 -17.91 -17.37 0.34
CA ASP B 190 -17.34 -16.88 -0.91
C ASP B 190 -15.93 -17.41 -1.18
N PHE B 191 -15.39 -18.20 -0.26
CA PHE B 191 -14.05 -18.75 -0.44
C PHE B 191 -13.98 -20.27 -0.22
N LYS B 192 -15.12 -20.94 -0.44
CA LYS B 192 -15.21 -22.39 -0.31
C LYS B 192 -14.50 -23.03 -1.50
N GLY B 193 -14.34 -22.26 -2.57
CA GLY B 193 -13.68 -22.75 -3.75
C GLY B 193 -12.17 -22.88 -3.63
N ARG B 194 -11.49 -22.39 -4.66
CA ARG B 194 -10.04 -22.44 -4.80
C ARG B 194 -9.17 -21.84 -3.69
N PHE B 195 -9.68 -21.86 -2.46
CA PHE B 195 -8.95 -21.31 -1.32
C PHE B 195 -8.61 -22.32 -0.23
N ALA B 196 -7.31 -22.48 0.02
CA ALA B 196 -6.84 -23.45 0.99
C ALA B 196 -5.88 -22.90 2.04
N PHE B 197 -6.21 -23.17 3.30
CA PHE B 197 -5.39 -22.77 4.45
C PHE B 197 -4.46 -23.90 4.87
N SER B 198 -3.19 -23.58 5.09
CA SER B 198 -2.24 -24.60 5.52
C SER B 198 -1.24 -23.92 6.43
N LEU B 199 -0.38 -24.70 7.05
CA LEU B 199 0.60 -24.10 7.89
C LEU B 199 1.84 -24.93 7.89
N ASP B 200 2.94 -24.26 8.20
CA ASP B 200 4.25 -24.88 8.28
C ASP B 200 4.75 -24.39 9.62
N THR B 201 4.18 -24.98 10.66
CA THR B 201 4.51 -24.64 12.03
C THR B 201 5.99 -24.64 12.37
N SER B 202 6.79 -25.34 11.56
CA SER B 202 8.23 -25.44 11.77
C SER B 202 8.93 -24.13 11.42
N THR B 203 8.16 -23.17 10.94
CA THR B 203 8.71 -21.88 10.60
C THR B 203 7.70 -20.82 11.03
N SER B 204 6.73 -21.27 11.81
CA SER B 204 5.68 -20.42 12.32
C SER B 204 5.15 -19.62 11.16
N THR B 205 4.68 -20.33 10.14
CA THR B 205 4.11 -19.69 8.96
C THR B 205 2.74 -20.26 8.63
N ALA B 206 1.85 -19.41 8.16
CA ALA B 206 0.52 -19.83 7.76
C ALA B 206 0.46 -19.48 6.29
N PHE B 207 -0.20 -20.32 5.51
CA PHE B 207 -0.30 -20.04 4.09
C PHE B 207 -1.74 -19.96 3.66
N LEU B 208 -1.94 -19.26 2.55
CA LEU B 208 -3.25 -19.12 1.93
C LEU B 208 -2.93 -19.54 0.51
N GLN B 209 -3.70 -20.50 0.01
CA GLN B 209 -3.48 -21.01 -1.34
C GLN B 209 -4.56 -20.60 -2.34
N ILE B 210 -4.12 -20.09 -3.48
CA ILE B 210 -5.06 -19.73 -4.52
C ILE B 210 -4.54 -20.28 -5.85
N ASN B 211 -5.26 -21.28 -6.36
CA ASN B 211 -4.90 -21.93 -7.61
C ASN B 211 -5.77 -21.43 -8.74
N ASN B 212 -5.24 -21.48 -9.96
CA ASN B 212 -5.97 -21.03 -11.14
C ASN B 212 -6.55 -19.66 -10.79
N LEU B 213 -5.63 -18.70 -10.70
CA LEU B 213 -5.95 -17.32 -10.38
C LEU B 213 -6.81 -16.70 -11.47
N LYS B 214 -7.63 -15.75 -11.06
CA LYS B 214 -8.51 -15.04 -11.98
C LYS B 214 -8.33 -13.52 -11.79
N ASN B 215 -8.88 -12.75 -12.70
CA ASN B 215 -8.78 -11.30 -12.65
C ASN B 215 -9.26 -10.70 -11.31
N GLU B 216 -10.34 -11.25 -10.76
CA GLU B 216 -10.91 -10.75 -9.53
C GLU B 216 -10.15 -11.16 -8.24
N ASP B 217 -9.17 -12.06 -8.38
CA ASP B 217 -8.36 -12.49 -7.24
C ASP B 217 -7.38 -11.39 -6.90
N THR B 218 -7.18 -10.49 -7.86
CA THR B 218 -6.28 -9.37 -7.65
C THR B 218 -6.94 -8.62 -6.49
N ALA B 219 -6.28 -8.67 -5.34
CA ALA B 219 -6.73 -8.02 -4.12
C ALA B 219 -5.55 -8.03 -3.20
N THR B 220 -5.73 -7.51 -1.99
CA THR B 220 -4.65 -7.54 -1.03
C THR B 220 -5.11 -8.51 0.02
N TYR B 221 -4.24 -9.46 0.33
CA TYR B 221 -4.56 -10.48 1.32
C TYR B 221 -3.79 -10.21 2.57
N PHE B 222 -4.50 -10.12 3.68
CA PHE B 222 -3.88 -9.88 4.98
C PHE B 222 -4.06 -11.09 5.89
N CYS B 223 -3.00 -11.52 6.56
CA CYS B 223 -3.17 -12.58 7.56
C CYS B 223 -3.35 -11.74 8.82
N VAL B 224 -4.17 -12.20 9.76
CA VAL B 224 -4.43 -11.43 10.96
C VAL B 224 -4.52 -12.30 12.22
N ARG B 225 -3.96 -11.80 13.32
CA ARG B 225 -3.97 -12.49 14.62
C ARG B 225 -5.04 -11.86 15.51
N ASP B 226 -5.88 -12.69 16.14
CA ASP B 226 -6.88 -12.15 17.07
C ASP B 226 -6.31 -12.16 18.51
N ARG B 227 -6.99 -11.45 19.41
CA ARG B 227 -6.59 -11.36 20.80
C ARG B 227 -7.95 -11.43 21.50
N HIS B 228 -8.80 -12.31 20.98
CA HIS B 228 -10.15 -12.46 21.47
C HIS B 228 -10.29 -12.67 22.97
N ASP B 229 -9.32 -13.32 23.62
CA ASP B 229 -9.46 -13.51 25.06
C ASP B 229 -9.40 -12.14 25.77
N TYR B 230 -9.11 -11.08 25.00
CA TYR B 230 -9.06 -9.70 25.51
C TYR B 230 -10.26 -8.87 25.03
N GLY B 231 -11.13 -9.48 24.23
CA GLY B 231 -12.29 -8.78 23.69
C GLY B 231 -11.89 -8.01 22.43
N GLU B 232 -10.78 -8.41 21.83
CA GLU B 232 -10.27 -7.76 20.62
C GLU B 232 -10.27 -8.76 19.46
N ILE B 233 -10.89 -8.37 18.35
CA ILE B 233 -10.95 -9.30 17.24
C ILE B 233 -9.67 -9.25 16.38
N PHE B 234 -9.59 -8.35 15.41
CA PHE B 234 -8.40 -8.29 14.58
C PHE B 234 -7.34 -7.32 15.10
N THR B 235 -6.56 -7.81 16.06
CA THR B 235 -5.55 -6.98 16.69
C THR B 235 -4.24 -6.79 15.94
N TYR B 236 -3.69 -7.86 15.35
CA TYR B 236 -2.40 -7.75 14.65
C TYR B 236 -2.57 -8.13 13.18
N TRP B 237 -2.20 -7.22 12.29
CA TRP B 237 -2.34 -7.44 10.86
C TRP B 237 -0.97 -7.55 10.19
N GLY B 238 -0.84 -8.44 9.20
CA GLY B 238 0.41 -8.53 8.47
C GLY B 238 0.37 -7.33 7.52
N GLN B 239 1.46 -7.03 6.82
CA GLN B 239 1.45 -5.86 5.94
C GLN B 239 0.66 -6.08 4.67
N GLY B 240 0.25 -7.33 4.44
CA GLY B 240 -0.57 -7.61 3.27
C GLY B 240 0.17 -8.12 2.06
N THR B 241 -0.51 -8.92 1.25
CA THR B 241 0.08 -9.46 0.03
C THR B 241 -0.93 -9.23 -1.06
N THR B 242 -0.52 -8.48 -2.06
CA THR B 242 -1.39 -8.19 -3.18
C THR B 242 -1.07 -9.18 -4.27
N VAL B 243 -2.10 -9.84 -4.78
CA VAL B 243 -1.91 -10.83 -5.83
C VAL B 243 -2.36 -10.23 -7.15
N THR B 244 -1.41 -9.67 -7.90
CA THR B 244 -1.71 -9.06 -9.19
C THR B 244 -1.83 -10.15 -10.26
N VAL B 245 -2.92 -10.09 -11.00
CA VAL B 245 -3.16 -11.05 -12.06
C VAL B 245 -3.25 -10.34 -13.43
N SER B 246 -2.32 -10.72 -14.32
CA SER B 246 -2.25 -10.16 -15.68
C SER B 246 -3.28 -10.83 -16.59
N SER B 247 -4.55 -10.61 -16.28
CA SER B 247 -5.68 -11.18 -17.03
C SER B 247 -5.80 -10.64 -18.45
N PRO C 1 16.40 19.56 -20.39
CA PRO C 1 16.54 18.90 -21.72
C PRO C 1 15.67 17.64 -21.79
N GLN C 2 15.44 17.17 -23.01
CA GLN C 2 14.65 15.97 -23.20
C GLN C 2 15.49 14.80 -22.71
N PHE C 3 14.85 13.78 -22.15
CA PHE C 3 15.56 12.65 -21.57
C PHE C 3 16.44 11.92 -22.58
N SER C 4 17.73 11.90 -22.27
CA SER C 4 18.72 11.33 -23.19
C SER C 4 19.58 10.16 -22.73
N LEU C 5 19.28 9.54 -21.60
CA LEU C 5 20.12 8.47 -21.12
C LEU C 5 19.94 7.04 -21.64
N TRP C 6 18.84 6.75 -22.32
CA TRP C 6 18.63 5.40 -22.81
C TRP C 6 18.65 5.34 -24.34
N PRO D 1 -5.21 -18.65 22.81
CA PRO D 1 -6.17 -19.75 22.63
C PRO D 1 -6.79 -19.68 21.23
N GLN D 2 -7.16 -20.84 20.69
CA GLN D 2 -7.76 -20.89 19.37
C GLN D 2 -9.12 -20.16 19.41
N PHE D 3 -9.51 -19.58 18.27
CA PHE D 3 -10.76 -18.80 18.17
C PHE D 3 -12.04 -19.56 18.49
N SER D 4 -12.67 -19.13 19.58
CA SER D 4 -13.88 -19.76 20.10
C SER D 4 -15.19 -18.98 19.94
N LEU D 5 -15.17 -17.90 19.18
CA LEU D 5 -16.39 -17.12 19.06
C LEU D 5 -17.41 -17.50 18.00
N TRP D 6 -16.98 -18.07 16.89
CA TRP D 6 -17.94 -18.46 15.84
C TRP D 6 -18.04 -19.97 15.61
#